data_6ZAK
#
_entry.id   6ZAK
#
_cell.length_a   41.790
_cell.length_b   75.564
_cell.length_c   101.724
_cell.angle_alpha   90.000
_cell.angle_beta   90.000
_cell.angle_gamma   90.000
#
_symmetry.space_group_name_H-M   'P 21 21 21'
#
loop_
_entity.id
_entity.type
_entity.pdbx_description
1 polymer 'Isopenicillin N synthase'
2 non-polymer 'SULFATE ION'
3 non-polymer L-D-(A-AMINOADIPOYL)-L-CYSTEINYL-D-VALINE
4 non-polymer oxovanadium(2+)
5 water water
#
_entity_poly.entity_id   1
_entity_poly.type   'polypeptide(L)'
_entity_poly.pdbx_seq_one_letter_code
;MGSVSKANVPKIDVSPLFGDDQAAKMRVAQQIDAASRDTGFFYAVNHGINVQRLSQKTKEFHMSITPEEKWDLAIRAYNK
EHQDQVRAGYYLSIPGKKAVESFCYLNPNFTPDHPRIQAKTPTHEVNVWPDETKHPGFQDFAEQYYWDVFGLSSALLKGY
ALALGKEENFFARHFKPDDTLASVVLIRYPYLDPYPEAAIKTAADGTKLSFEWHEDVSLITVLYQSNVQNLQVETAAGYQ
DIEADDTGYLINCGSYMAHLTNNYYKAPIHRVKWVNAERQSLPFFVNLGYDSVIDPFDPREPNGKSDREPLSYGDYLQNG
LVSLINKNGQT
;
_entity_poly.pdbx_strand_id   A
#
loop_
_chem_comp.id
_chem_comp.type
_chem_comp.name
_chem_comp.formula
ACV non-polymer L-D-(A-AMINOADIPOYL)-L-CYSTEINYL-D-VALINE 'C14 H25 N3 O6 S'
SO4 non-polymer 'SULFATE ION' 'O4 S -2'
VVO non-polymer oxovanadium(2+) 'O V 2'
#
# COMPACT_ATOMS: atom_id res chain seq x y z
N VAL A 4 -24.55 -5.55 9.51
CA VAL A 4 -23.48 -4.74 8.92
C VAL A 4 -23.71 -4.48 7.42
N SER A 5 -23.59 -3.24 7.01
CA SER A 5 -23.92 -2.88 5.64
C SER A 5 -22.68 -3.01 4.76
N LYS A 6 -22.92 -2.95 3.45
CA LYS A 6 -21.88 -3.09 2.46
C LYS A 6 -21.55 -1.75 1.84
N ALA A 7 -20.27 -1.49 1.69
CA ALA A 7 -19.84 -0.21 1.16
C ALA A 7 -20.04 -0.18 -0.34
N ASN A 8 -20.30 1.02 -0.85
CA ASN A 8 -20.36 1.22 -2.29
C ASN A 8 -18.93 1.40 -2.79
N VAL A 9 -18.43 0.40 -3.49
CA VAL A 9 -17.07 0.43 -4.02
C VAL A 9 -17.18 0.23 -5.51
N PRO A 10 -17.16 1.30 -6.28
CA PRO A 10 -17.32 1.14 -7.71
C PRO A 10 -16.12 0.46 -8.36
N LYS A 11 -16.38 -0.16 -9.49
CA LYS A 11 -15.34 -0.73 -10.35
C LYS A 11 -15.09 0.24 -11.49
N ILE A 12 -13.87 0.76 -11.59
CA ILE A 12 -13.53 1.78 -12.56
C ILE A 12 -12.55 1.21 -13.57
N ASP A 13 -12.94 1.25 -14.85
CA ASP A 13 -12.05 0.84 -15.93
C ASP A 13 -11.00 1.92 -16.10
N VAL A 14 -9.75 1.61 -15.73
CA VAL A 14 -8.71 2.62 -15.76
C VAL A 14 -7.90 2.57 -17.04
N SER A 15 -8.30 1.73 -17.99
CA SER A 15 -7.50 1.59 -19.20
C SER A 15 -7.36 2.90 -19.97
N PRO A 16 -8.32 3.83 -19.97
CA PRO A 16 -8.08 5.10 -20.68
C PRO A 16 -6.91 5.92 -20.14
N LEU A 17 -6.52 5.70 -18.87
CA LEU A 17 -5.41 6.46 -18.32
C LEU A 17 -4.08 6.05 -18.93
N PHE A 18 -4.04 4.95 -19.67
CA PHE A 18 -2.87 4.54 -20.40
C PHE A 18 -2.87 5.04 -21.82
N GLY A 19 -3.90 5.76 -22.23
CA GLY A 19 -4.03 6.16 -23.60
C GLY A 19 -4.00 7.66 -23.80
N ASP A 20 -4.34 8.07 -25.02
CA ASP A 20 -4.23 9.45 -25.47
C ASP A 20 -5.59 10.10 -25.75
N ASP A 21 -6.70 9.48 -25.35
CA ASP A 21 -8.03 10.03 -25.52
C ASP A 21 -8.37 10.87 -24.30
N GLN A 22 -8.26 12.19 -24.42
CA GLN A 22 -8.27 13.04 -23.22
C GLN A 22 -9.65 13.10 -22.61
N ALA A 23 -10.71 13.05 -23.41
CA ALA A 23 -12.06 13.09 -22.85
C ALA A 23 -12.34 11.82 -22.08
N ALA A 24 -11.89 10.67 -22.59
CA ALA A 24 -12.07 9.43 -21.85
C ALA A 24 -11.33 9.47 -20.52
N LYS A 25 -10.11 10.03 -20.50
CA LYS A 25 -9.40 10.16 -19.23
C LYS A 25 -10.17 11.05 -18.30
N MET A 26 -10.81 12.09 -18.83
CA MET A 26 -11.63 12.92 -17.95
C MET A 26 -12.82 12.14 -17.36
N ARG A 27 -13.43 11.23 -18.15
CA ARG A 27 -14.54 10.48 -17.56
C ARG A 27 -14.05 9.50 -16.50
N VAL A 28 -12.82 9.01 -16.64
CA VAL A 28 -12.24 8.19 -15.59
C VAL A 28 -11.98 9.04 -14.36
N ALA A 29 -11.41 10.24 -14.56
CA ALA A 29 -11.14 11.14 -13.43
C ALA A 29 -12.42 11.48 -12.67
N GLN A 30 -13.53 11.70 -13.36
CA GLN A 30 -14.77 12.01 -12.67
C GLN A 30 -15.16 10.86 -11.73
N GLN A 31 -14.96 9.63 -12.16
CA GLN A 31 -15.33 8.48 -11.34
C GLN A 31 -14.39 8.34 -10.14
N ILE A 32 -13.10 8.61 -10.33
CA ILE A 32 -12.16 8.65 -9.21
C ILE A 32 -12.59 9.73 -8.22
N ASP A 33 -12.97 10.90 -8.74
CA ASP A 33 -13.38 11.97 -7.85
C ASP A 33 -14.57 11.54 -7.03
N ALA A 34 -15.55 10.92 -7.70
CA ALA A 34 -16.78 10.58 -7.01
C ALA A 34 -16.54 9.52 -5.93
N ALA A 35 -15.73 8.51 -6.24
CA ALA A 35 -15.39 7.51 -5.23
C ALA A 35 -14.59 8.11 -4.09
N SER A 36 -13.66 9.02 -4.42
CA SER A 36 -12.81 9.62 -3.40
C SER A 36 -13.60 10.47 -2.43
N ARG A 37 -14.72 11.04 -2.88
CA ARG A 37 -15.55 11.84 -1.98
C ARG A 37 -16.68 11.05 -1.36
N ASP A 38 -16.86 9.78 -1.72
CA ASP A 38 -17.87 8.97 -1.08
C ASP A 38 -17.22 8.10 0.00
N THR A 39 -17.02 6.80 -0.23
CA THR A 39 -16.41 5.98 0.82
C THR A 39 -14.90 6.03 0.78
N GLY A 40 -14.35 6.47 -0.32
CA GLY A 40 -12.92 6.63 -0.47
C GLY A 40 -12.24 5.46 -1.14
N PHE A 41 -12.98 4.43 -1.53
CA PHE A 41 -12.41 3.24 -2.13
C PHE A 41 -13.00 3.00 -3.52
N PHE A 42 -12.18 2.47 -4.41
CA PHE A 42 -12.68 1.94 -5.66
C PHE A 42 -11.77 0.80 -6.12
N TYR A 43 -12.35 -0.07 -6.94
CA TYR A 43 -11.57 -1.10 -7.63
C TYR A 43 -11.13 -0.59 -8.99
N ALA A 44 -9.84 -0.71 -9.27
CA ALA A 44 -9.30 -0.47 -10.59
C ALA A 44 -9.39 -1.78 -11.38
N VAL A 45 -10.10 -1.75 -12.50
CA VAL A 45 -10.25 -2.92 -13.37
C VAL A 45 -9.67 -2.57 -14.75
N ASN A 46 -9.42 -3.62 -15.54
N ASN A 46 -9.44 -3.61 -15.57
CA ASN A 46 -8.76 -3.48 -16.84
CA ASN A 46 -8.76 -3.44 -16.86
C ASN A 46 -7.40 -2.81 -16.66
C ASN A 46 -7.38 -2.78 -16.65
N HIS A 47 -6.63 -3.31 -15.69
CA HIS A 47 -5.37 -2.69 -15.27
C HIS A 47 -4.15 -3.29 -15.93
N GLY A 48 -4.26 -4.46 -16.55
CA GLY A 48 -3.19 -4.99 -17.36
C GLY A 48 -2.14 -5.79 -16.63
N ILE A 49 -2.27 -5.96 -15.33
CA ILE A 49 -1.27 -6.71 -14.56
C ILE A 49 -1.72 -8.15 -14.42
N ASN A 50 -0.76 -9.06 -14.57
CA ASN A 50 -1.03 -10.50 -14.45
C ASN A 50 -1.09 -10.84 -12.97
N VAL A 51 -2.29 -10.73 -12.40
CA VAL A 51 -2.44 -10.98 -10.96
C VAL A 51 -2.48 -12.46 -10.63
N GLN A 52 -2.80 -13.32 -11.60
CA GLN A 52 -2.72 -14.76 -11.37
C GLN A 52 -1.30 -15.18 -11.09
N ARG A 53 -0.35 -14.70 -11.89
CA ARG A 53 1.04 -15.03 -11.66
C ARG A 53 1.54 -14.42 -10.35
N LEU A 54 1.17 -13.17 -10.09
CA LEU A 54 1.50 -12.55 -8.81
C LEU A 54 1.10 -13.46 -7.65
N SER A 55 -0.15 -13.89 -7.65
CA SER A 55 -0.66 -14.71 -6.56
C SER A 55 0.09 -16.04 -6.48
N GLN A 56 0.37 -16.66 -7.62
CA GLN A 56 1.02 -17.97 -7.65
C GLN A 56 2.46 -17.90 -7.15
N LYS A 57 3.24 -16.92 -7.65
CA LYS A 57 4.62 -16.82 -7.21
C LYS A 57 4.73 -16.41 -5.74
N THR A 58 3.80 -15.58 -5.25
CA THR A 58 3.80 -15.21 -3.84
C THR A 58 3.50 -16.42 -2.98
N LYS A 59 2.53 -17.23 -3.40
CA LYS A 59 2.17 -18.42 -2.64
C LYS A 59 3.33 -19.39 -2.55
N GLU A 60 4.01 -19.61 -3.68
CA GLU A 60 5.14 -20.53 -3.68
C GLU A 60 6.22 -20.07 -2.70
N PHE A 61 6.44 -18.76 -2.63
CA PHE A 61 7.41 -18.18 -1.71
C PHE A 61 7.01 -18.42 -0.26
N HIS A 62 5.81 -17.96 0.11
CA HIS A 62 5.35 -18.06 1.50
C HIS A 62 5.36 -19.50 1.97
N MET A 63 4.98 -20.43 1.09
CA MET A 63 4.85 -21.80 1.52
C MET A 63 6.16 -22.55 1.52
N SER A 64 7.21 -22.04 0.87
CA SER A 64 8.45 -22.80 0.83
C SER A 64 9.55 -22.22 1.69
N ILE A 65 9.42 -20.99 2.19
CA ILE A 65 10.51 -20.42 2.97
C ILE A 65 10.56 -21.11 4.33
N THR A 66 11.77 -21.28 4.85
CA THR A 66 12.02 -22.06 6.06
C THR A 66 12.36 -21.12 7.22
N PRO A 67 12.28 -21.60 8.47
CA PRO A 67 12.63 -20.72 9.59
C PRO A 67 14.02 -20.16 9.50
N GLU A 68 14.96 -20.93 8.97
CA GLU A 68 16.34 -20.47 8.81
C GLU A 68 16.39 -19.24 7.91
N GLU A 69 15.71 -19.34 6.79
CA GLU A 69 15.70 -18.25 5.84
C GLU A 69 15.02 -17.03 6.42
N LYS A 70 13.97 -17.23 7.23
CA LYS A 70 13.24 -16.10 7.80
C LYS A 70 14.14 -15.31 8.75
N TRP A 71 14.91 -16.01 9.60
CA TRP A 71 15.87 -15.31 10.44
C TRP A 71 16.87 -14.53 9.60
N ASP A 72 17.38 -15.13 8.52
CA ASP A 72 18.41 -14.51 7.70
C ASP A 72 17.88 -13.25 7.02
N LEU A 73 16.57 -13.17 6.81
CA LEU A 73 15.96 -12.03 6.12
C LEU A 73 15.26 -11.07 7.05
N ALA A 74 15.22 -11.39 8.35
CA ALA A 74 14.33 -10.72 9.28
C ALA A 74 14.70 -9.24 9.44
N ILE A 75 13.68 -8.43 9.69
CA ILE A 75 13.91 -7.03 10.01
C ILE A 75 14.45 -6.94 11.44
N ARG A 76 14.94 -5.76 11.81
CA ARG A 76 15.58 -5.63 13.11
C ARG A 76 14.62 -5.87 14.25
N ALA A 77 13.29 -5.73 14.07
CA ALA A 77 12.39 -6.02 15.17
C ALA A 77 12.47 -7.49 15.59
N TYR A 78 12.89 -8.38 14.69
CA TYR A 78 12.98 -9.82 14.97
C TYR A 78 14.41 -10.33 14.97
N ASN A 79 15.37 -9.51 14.59
CA ASN A 79 16.77 -9.96 14.57
C ASN A 79 17.66 -8.76 14.86
N LYS A 80 18.25 -8.72 16.05
CA LYS A 80 19.07 -7.60 16.51
C LYS A 80 20.29 -7.38 15.64
N GLU A 81 20.70 -8.38 14.84
CA GLU A 81 21.89 -8.26 14.02
C GLU A 81 21.62 -7.38 12.81
N HIS A 82 20.37 -7.21 12.43
CA HIS A 82 20.04 -6.53 11.19
C HIS A 82 19.60 -5.08 11.47
N GLN A 83 20.54 -4.30 11.99
CA GLN A 83 20.26 -2.94 12.45
C GLN A 83 19.90 -1.99 11.32
N ASP A 84 20.29 -2.29 10.08
CA ASP A 84 19.96 -1.45 8.93
C ASP A 84 18.68 -1.87 8.21
N GLN A 85 18.03 -2.96 8.63
CA GLN A 85 16.78 -3.42 8.05
C GLN A 85 15.64 -2.97 8.96
N VAL A 86 15.11 -1.79 8.69
CA VAL A 86 13.93 -1.33 9.41
C VAL A 86 12.68 -1.68 8.64
N ARG A 87 12.70 -1.41 7.33
CA ARG A 87 11.58 -1.58 6.43
C ARG A 87 11.65 -2.88 5.64
N ALA A 88 12.77 -3.14 5.01
CA ALA A 88 12.89 -4.22 4.04
C ALA A 88 13.31 -5.52 4.71
N GLY A 89 12.59 -6.58 4.38
CA GLY A 89 12.91 -7.93 4.79
C GLY A 89 11.68 -8.65 5.30
N TYR A 90 11.92 -9.65 6.14
CA TYR A 90 10.87 -10.57 6.56
C TYR A 90 10.34 -10.17 7.94
N TYR A 91 9.02 -10.24 8.08
CA TYR A 91 8.26 -9.88 9.28
C TYR A 91 7.68 -11.19 9.74
N LEU A 92 8.28 -11.78 10.78
CA LEU A 92 8.00 -13.15 11.17
C LEU A 92 6.67 -13.26 11.88
N SER A 93 5.98 -14.38 11.67
CA SER A 93 4.91 -14.76 12.55
C SER A 93 5.50 -15.33 13.83
N ILE A 94 4.67 -15.49 14.85
CA ILE A 94 5.08 -16.05 16.14
C ILE A 94 4.07 -17.13 16.46
N PRO A 95 4.41 -18.40 16.28
CA PRO A 95 3.44 -19.47 16.50
C PRO A 95 2.77 -19.33 17.85
N GLY A 96 1.45 -19.51 17.84
CA GLY A 96 0.64 -19.38 19.01
C GLY A 96 0.34 -17.98 19.45
N LYS A 97 0.87 -16.95 18.77
CA LYS A 97 0.78 -15.58 19.26
C LYS A 97 0.41 -14.60 18.15
N LYS A 98 1.13 -14.70 17.03
CA LYS A 98 1.02 -13.75 15.94
C LYS A 98 0.86 -14.53 14.66
N ALA A 99 -0.24 -14.33 13.94
CA ALA A 99 -0.49 -15.16 12.77
C ALA A 99 0.15 -14.63 11.50
N VAL A 100 0.09 -13.34 11.30
CA VAL A 100 0.46 -12.74 10.03
C VAL A 100 1.97 -12.72 9.89
N GLU A 101 2.41 -12.85 8.65
CA GLU A 101 3.82 -12.76 8.33
C GLU A 101 3.91 -12.14 6.96
N SER A 102 5.04 -11.50 6.68
CA SER A 102 5.10 -10.75 5.44
C SER A 102 6.55 -10.51 5.07
N PHE A 103 6.72 -10.15 3.80
CA PHE A 103 7.99 -9.81 3.23
C PHE A 103 7.83 -8.47 2.52
N CYS A 104 8.68 -7.50 2.88
CA CYS A 104 8.61 -6.14 2.36
C CYS A 104 9.85 -5.83 1.55
N TYR A 105 9.66 -5.24 0.38
CA TYR A 105 10.82 -4.82 -0.39
C TYR A 105 10.53 -3.44 -0.96
N LEU A 106 11.62 -2.73 -1.24
CA LEU A 106 11.61 -1.34 -1.66
C LEU A 106 12.08 -1.22 -3.11
N ASN A 107 12.18 0.03 -3.56
CA ASN A 107 12.75 0.37 -4.87
C ASN A 107 13.97 -0.49 -5.22
N PRO A 108 13.89 -1.31 -6.27
CA PRO A 108 15.07 -2.09 -6.70
C PRO A 108 16.29 -1.24 -7.03
N ASN A 109 16.12 0.06 -7.27
CA ASN A 109 17.24 0.92 -7.62
C ASN A 109 18.05 1.39 -6.43
N PHE A 110 17.60 1.11 -5.21
CA PHE A 110 18.38 1.39 -4.01
C PHE A 110 19.45 0.31 -3.92
N THR A 111 20.62 0.62 -4.40
CA THR A 111 21.78 -0.25 -4.32
C THR A 111 22.80 0.39 -3.41
N PRO A 112 23.85 -0.35 -3.01
CA PRO A 112 24.91 0.28 -2.21
C PRO A 112 25.44 1.54 -2.83
N ASP A 113 25.44 1.64 -4.16
N ASP A 113 25.44 1.66 -4.15
CA ASP A 113 25.98 2.77 -4.89
CA ASP A 113 26.02 2.83 -4.79
C ASP A 113 25.02 3.94 -4.98
C ASP A 113 24.98 3.90 -5.14
N HIS A 114 23.73 3.72 -4.72
CA HIS A 114 22.74 4.77 -4.89
C HIS A 114 23.06 5.90 -3.93
N PRO A 115 22.96 7.17 -4.38
CA PRO A 115 23.42 8.29 -3.53
C PRO A 115 22.67 8.42 -2.21
N ARG A 116 21.41 7.99 -2.17
CA ARG A 116 20.65 8.08 -0.93
C ARG A 116 21.11 7.01 0.04
N ILE A 117 21.56 5.88 -0.46
CA ILE A 117 22.08 4.84 0.41
C ILE A 117 23.46 5.21 0.90
N GLN A 118 24.28 5.79 0.02
CA GLN A 118 25.60 6.26 0.43
C GLN A 118 25.50 7.33 1.51
N ALA A 119 24.52 8.23 1.40
CA ALA A 119 24.34 9.27 2.39
C ALA A 119 23.63 8.80 3.65
N LYS A 120 23.21 7.52 3.71
CA LYS A 120 22.51 6.97 4.86
C LYS A 120 21.23 7.74 5.19
N THR A 121 20.49 8.10 4.16
CA THR A 121 19.27 8.86 4.36
C THR A 121 18.19 7.94 4.96
N PRO A 122 17.53 8.34 6.04
CA PRO A 122 16.47 7.50 6.63
C PRO A 122 15.38 7.13 5.63
N THR A 123 14.78 5.97 5.88
CA THR A 123 13.73 5.30 5.11
C THR A 123 14.26 4.68 3.82
N HIS A 124 15.54 4.83 3.50
CA HIS A 124 16.11 4.20 2.32
C HIS A 124 16.90 2.98 2.76
N GLU A 125 16.64 1.83 2.17
CA GLU A 125 17.38 0.62 2.47
C GLU A 125 17.59 -0.17 1.21
N VAL A 126 18.58 -1.06 1.27
CA VAL A 126 18.83 -2.03 0.20
C VAL A 126 18.03 -3.28 0.50
N ASN A 127 17.27 -3.74 -0.49
CA ASN A 127 16.52 -4.97 -0.36
C ASN A 127 17.41 -6.17 -0.06
N VAL A 128 16.84 -7.07 0.75
CA VAL A 128 17.41 -8.38 1.02
C VAL A 128 16.52 -9.41 0.35
N TRP A 129 17.13 -10.40 -0.25
CA TRP A 129 16.48 -11.46 -0.99
C TRP A 129 16.92 -12.84 -0.50
N PRO A 130 16.02 -13.81 -0.55
CA PRO A 130 16.41 -15.20 -0.34
C PRO A 130 17.38 -15.69 -1.40
N ASP A 131 17.92 -16.87 -1.12
CA ASP A 131 18.88 -17.51 -2.01
C ASP A 131 18.21 -17.94 -3.31
N GLU A 132 18.72 -17.45 -4.43
CA GLU A 132 18.23 -17.80 -5.76
C GLU A 132 18.07 -19.31 -5.96
N THR A 133 18.98 -20.12 -5.41
CA THR A 133 18.88 -21.54 -5.69
C THR A 133 17.74 -22.16 -4.92
N LYS A 134 17.35 -21.56 -3.81
CA LYS A 134 16.22 -22.08 -3.05
C LYS A 134 14.91 -21.47 -3.51
N HIS A 135 14.94 -20.29 -4.11
CA HIS A 135 13.75 -19.64 -4.64
C HIS A 135 14.03 -19.13 -6.04
N PRO A 136 14.20 -20.04 -6.99
CA PRO A 136 14.58 -19.59 -8.33
C PRO A 136 13.53 -18.65 -8.90
N GLY A 137 14.01 -17.58 -9.53
CA GLY A 137 13.15 -16.64 -10.22
C GLY A 137 12.34 -15.69 -9.34
N PHE A 138 12.42 -15.84 -8.02
CA PHE A 138 11.54 -15.05 -7.16
C PHE A 138 11.92 -13.58 -7.20
N GLN A 139 13.21 -13.28 -7.04
CA GLN A 139 13.64 -11.89 -7.06
C GLN A 139 13.36 -11.24 -8.41
N ASP A 140 13.65 -11.95 -9.50
CA ASP A 140 13.36 -11.37 -10.81
C ASP A 140 11.88 -11.07 -10.95
N PHE A 141 11.02 -12.00 -10.51
CA PHE A 141 9.58 -11.76 -10.54
C PHE A 141 9.22 -10.57 -9.67
N ALA A 142 9.75 -10.52 -8.44
CA ALA A 142 9.34 -9.48 -7.50
C ALA A 142 9.76 -8.10 -8.00
N GLU A 143 10.97 -8.00 -8.58
CA GLU A 143 11.41 -6.69 -9.04
C GLU A 143 10.63 -6.29 -10.27
N GLN A 144 10.30 -7.25 -11.14
CA GLN A 144 9.46 -6.94 -12.29
C GLN A 144 8.08 -6.49 -11.84
N TYR A 145 7.52 -7.15 -10.83
CA TYR A 145 6.21 -6.74 -10.33
C TYR A 145 6.25 -5.29 -9.83
N TYR A 146 7.33 -4.93 -9.14
CA TYR A 146 7.45 -3.57 -8.64
C TYR A 146 7.23 -2.56 -9.75
N TRP A 147 7.87 -2.78 -10.92
CA TRP A 147 7.79 -1.81 -12.00
C TRP A 147 6.46 -1.90 -12.71
N ASP A 148 5.83 -3.08 -12.74
CA ASP A 148 4.47 -3.19 -13.27
C ASP A 148 3.49 -2.36 -12.46
N VAL A 149 3.49 -2.54 -11.11
CA VAL A 149 2.56 -1.81 -10.28
C VAL A 149 2.97 -0.35 -10.20
N PHE A 150 4.25 -0.04 -10.31
CA PHE A 150 4.67 1.36 -10.47
C PHE A 150 3.94 1.99 -11.64
N GLY A 151 3.92 1.27 -12.77
CA GLY A 151 3.31 1.78 -13.99
C GLY A 151 1.82 1.98 -13.83
N LEU A 152 1.14 1.00 -13.21
CA LEU A 152 -0.27 1.19 -12.92
C LEU A 152 -0.48 2.42 -12.04
N SER A 153 0.36 2.55 -11.01
CA SER A 153 0.18 3.62 -10.05
C SER A 153 0.44 4.97 -10.67
N SER A 154 1.46 5.05 -11.53
N SER A 154 1.39 5.04 -11.60
CA SER A 154 1.66 6.27 -12.30
CA SER A 154 1.66 6.30 -12.30
C SER A 154 0.36 6.69 -12.98
C SER A 154 0.48 6.72 -13.18
N ALA A 155 -0.24 5.76 -13.75
CA ALA A 155 -1.47 6.09 -14.47
C ALA A 155 -2.57 6.54 -13.51
N LEU A 156 -2.75 5.85 -12.40
CA LEU A 156 -3.76 6.29 -11.43
C LEU A 156 -3.52 7.72 -10.96
N LEU A 157 -2.24 8.08 -10.75
CA LEU A 157 -1.92 9.42 -10.28
C LEU A 157 -2.33 10.47 -11.30
N LYS A 158 -2.27 10.13 -12.60
CA LYS A 158 -2.79 11.03 -13.65
C LYS A 158 -4.29 11.22 -13.50
N GLY A 159 -4.98 10.13 -13.17
CA GLY A 159 -6.40 10.23 -12.89
C GLY A 159 -6.73 11.10 -11.70
N TYR A 160 -5.97 10.98 -10.60
CA TYR A 160 -6.24 11.81 -9.42
C TYR A 160 -5.96 13.27 -9.71
N ALA A 161 -4.91 13.55 -10.47
CA ALA A 161 -4.58 14.94 -10.80
C ALA A 161 -5.70 15.58 -11.62
N LEU A 162 -6.16 14.89 -12.67
CA LEU A 162 -7.24 15.44 -13.47
C LEU A 162 -8.51 15.62 -12.64
N ALA A 163 -8.75 14.69 -11.69
CA ALA A 163 -9.94 14.74 -10.84
C ALA A 163 -10.00 16.02 -10.04
N LEU A 164 -8.85 16.53 -9.62
CA LEU A 164 -8.72 17.74 -8.83
C LEU A 164 -8.54 19.00 -9.67
N GLY A 165 -8.57 18.90 -10.99
CA GLY A 165 -8.44 20.07 -11.85
C GLY A 165 -7.01 20.45 -12.16
N LYS A 166 -6.09 19.53 -11.97
CA LYS A 166 -4.66 19.76 -12.21
C LYS A 166 -4.25 19.06 -13.49
N GLU A 167 -3.14 19.52 -14.05
CA GLU A 167 -2.54 18.86 -15.20
C GLU A 167 -2.07 17.46 -14.80
N GLU A 168 -2.06 16.54 -15.75
CA GLU A 168 -2.05 15.15 -15.37
C GLU A 168 -0.75 14.72 -14.68
N ASN A 169 0.33 15.50 -14.81
CA ASN A 169 1.61 15.14 -14.18
C ASN A 169 1.79 15.78 -12.82
N PHE A 170 0.72 16.32 -12.24
CA PHE A 170 0.84 17.08 -11.00
C PHE A 170 1.46 16.25 -9.89
N PHE A 171 0.97 15.03 -9.70
CA PHE A 171 1.55 14.09 -8.74
C PHE A 171 2.65 13.26 -9.38
N ALA A 172 2.40 12.77 -10.60
CA ALA A 172 3.26 11.78 -11.22
C ALA A 172 4.70 12.30 -11.39
N ARG A 173 4.89 13.60 -11.60
CA ARG A 173 6.25 14.14 -11.75
C ARG A 173 7.12 13.89 -10.51
N HIS A 174 6.51 13.58 -9.36
CA HIS A 174 7.24 13.39 -8.13
C HIS A 174 7.42 11.91 -7.83
N PHE A 175 6.91 11.05 -8.70
CA PHE A 175 6.84 9.60 -8.54
C PHE A 175 7.76 9.03 -9.62
N LYS A 176 9.01 8.82 -9.23
CA LYS A 176 10.11 8.59 -10.15
C LYS A 176 10.83 7.29 -9.81
N PRO A 177 11.21 6.52 -10.83
CA PRO A 177 11.90 5.25 -10.57
C PRO A 177 13.17 5.43 -9.77
N ASP A 178 13.86 6.57 -9.89
CA ASP A 178 15.16 6.70 -9.27
C ASP A 178 15.08 6.96 -7.77
N ASP A 179 13.97 7.48 -7.24
CA ASP A 179 13.97 7.83 -5.83
C ASP A 179 12.69 7.50 -5.07
N THR A 180 11.70 6.85 -5.68
CA THR A 180 10.46 6.59 -4.96
C THR A 180 10.69 5.72 -3.71
N LEU A 181 10.02 6.09 -2.64
CA LEU A 181 10.04 5.33 -1.39
C LEU A 181 8.93 4.28 -1.33
N ALA A 182 8.28 4.02 -2.46
CA ALA A 182 7.20 3.05 -2.49
C ALA A 182 7.70 1.66 -2.10
N SER A 183 6.80 0.90 -1.48
CA SER A 183 7.10 -0.45 -1.06
C SER A 183 6.02 -1.41 -1.50
N VAL A 184 6.44 -2.64 -1.70
CA VAL A 184 5.57 -3.79 -1.86
C VAL A 184 5.65 -4.61 -0.59
N VAL A 185 4.51 -5.07 -0.11
CA VAL A 185 4.50 -6.00 1.01
C VAL A 185 3.71 -7.25 0.59
N LEU A 186 4.33 -8.41 0.77
CA LEU A 186 3.70 -9.68 0.43
C LEU A 186 3.26 -10.29 1.77
N ILE A 187 1.98 -10.13 2.08
CA ILE A 187 1.44 -10.54 3.38
C ILE A 187 0.73 -11.87 3.23
N ARG A 188 1.08 -12.82 4.11
CA ARG A 188 0.36 -14.07 4.29
C ARG A 188 -0.51 -14.00 5.55
N TYR A 189 -1.81 -14.17 5.37
CA TYR A 189 -2.72 -14.39 6.48
C TYR A 189 -3.10 -15.85 6.51
N PRO A 190 -2.65 -16.64 7.49
CA PRO A 190 -2.84 -18.09 7.43
C PRO A 190 -4.19 -18.56 7.95
N TYR A 191 -4.60 -19.72 7.45
CA TYR A 191 -5.59 -20.51 8.13
C TYR A 191 -4.90 -21.22 9.29
N LEU A 192 -5.46 -21.10 10.50
CA LEU A 192 -4.90 -21.77 11.67
C LEU A 192 -6.02 -22.41 12.48
N ASP A 193 -5.80 -23.64 12.91
CA ASP A 193 -6.74 -24.35 13.77
C ASP A 193 -5.94 -25.03 14.88
N PRO A 194 -5.96 -24.54 16.12
CA PRO A 194 -6.71 -23.40 16.65
C PRO A 194 -6.08 -22.05 16.32
N TYR A 195 -6.91 -21.06 16.23
CA TYR A 195 -6.38 -19.75 15.91
C TYR A 195 -5.96 -19.04 17.20
N PRO A 196 -4.73 -18.53 17.28
CA PRO A 196 -4.26 -17.90 18.53
C PRO A 196 -5.07 -16.67 18.95
N GLU A 197 -5.56 -16.69 20.20
CA GLU A 197 -6.41 -15.59 20.65
C GLU A 197 -5.64 -14.29 20.71
N ALA A 198 -4.32 -14.38 20.90
CA ALA A 198 -3.52 -13.18 21.00
C ALA A 198 -3.44 -12.43 19.69
N ALA A 199 -3.79 -13.09 18.59
CA ALA A 199 -3.71 -12.50 17.26
C ALA A 199 -5.03 -11.89 16.83
N ILE A 200 -6.05 -11.99 17.67
CA ILE A 200 -7.34 -11.41 17.40
C ILE A 200 -7.53 -10.23 18.33
N LYS A 201 -7.85 -9.09 17.76
CA LYS A 201 -8.18 -7.91 18.55
C LYS A 201 -9.68 -7.70 18.50
N THR A 202 -10.24 -7.22 19.60
CA THR A 202 -11.66 -6.95 19.66
C THR A 202 -11.85 -5.44 19.58
N ALA A 203 -12.67 -5.01 18.63
CA ALA A 203 -12.92 -3.62 18.43
C ALA A 203 -13.87 -3.09 19.51
N ALA A 204 -13.96 -1.76 19.62
CA ALA A 204 -14.95 -1.16 20.51
C ALA A 204 -16.35 -1.71 20.26
N ASP A 205 -16.73 -1.87 18.98
CA ASP A 205 -18.07 -2.33 18.61
C ASP A 205 -18.24 -3.86 18.62
N GLY A 206 -17.26 -4.60 19.17
CA GLY A 206 -17.37 -6.04 19.30
C GLY A 206 -16.78 -6.84 18.15
N THR A 207 -16.44 -6.20 17.04
CA THR A 207 -15.94 -6.92 15.87
C THR A 207 -14.54 -7.46 16.13
N LYS A 208 -14.32 -8.72 15.79
CA LYS A 208 -12.99 -9.31 15.89
CA LYS A 208 -12.99 -9.32 15.89
C LYS A 208 -12.13 -8.87 14.72
N LEU A 209 -10.92 -8.41 15.02
CA LEU A 209 -10.06 -7.83 14.01
C LEU A 209 -8.69 -8.51 13.96
N SER A 210 -8.09 -8.45 12.79
CA SER A 210 -6.68 -8.72 12.64
C SER A 210 -5.83 -7.46 12.69
N PHE A 211 -6.39 -6.29 12.37
CA PHE A 211 -5.63 -5.04 12.31
C PHE A 211 -6.62 -3.90 12.52
N GLU A 212 -6.29 -3.03 13.47
CA GLU A 212 -7.18 -1.96 13.92
C GLU A 212 -7.27 -0.82 12.90
N TRP A 213 -8.23 0.05 13.21
CA TRP A 213 -8.48 1.26 12.44
C TRP A 213 -7.20 2.05 12.24
N HIS A 214 -7.08 2.62 11.04
CA HIS A 214 -6.00 3.52 10.74
C HIS A 214 -6.35 4.28 9.46
N GLU A 215 -5.61 5.36 9.25
CA GLU A 215 -5.43 5.97 7.94
C GLU A 215 -4.12 5.46 7.38
N ASP A 216 -4.07 5.24 6.10
CA ASP A 216 -2.84 4.74 5.48
C ASP A 216 -1.77 5.82 5.45
N VAL A 217 -0.53 5.36 5.59
CA VAL A 217 0.67 6.17 5.40
C VAL A 217 1.05 5.99 3.93
N SER A 218 0.54 6.87 3.07
CA SER A 218 0.79 6.75 1.65
C SER A 218 0.21 8.01 1.00
N LEU A 219 0.57 8.21 -0.27
CA LEU A 219 -0.20 9.09 -1.12
C LEU A 219 -1.47 8.38 -1.55
N ILE A 220 -1.32 7.24 -2.24
CA ILE A 220 -2.40 6.28 -2.44
C ILE A 220 -1.85 4.89 -2.15
N THR A 221 -2.77 3.97 -1.92
CA THR A 221 -2.49 2.56 -1.66
C THR A 221 -3.14 1.74 -2.77
N VAL A 222 -2.36 0.85 -3.37
CA VAL A 222 -2.77 0.09 -4.53
C VAL A 222 -2.67 -1.37 -4.12
N LEU A 223 -3.81 -2.00 -3.83
CA LEU A 223 -3.85 -3.26 -3.12
C LEU A 223 -4.44 -4.40 -3.94
N TYR A 224 -3.71 -5.51 -4.01
N TYR A 224 -3.74 -5.54 -3.99
CA TYR A 224 -4.28 -6.77 -4.47
CA TYR A 224 -4.31 -6.77 -4.53
C TYR A 224 -4.57 -7.64 -3.24
C TYR A 224 -4.50 -7.77 -3.39
N GLN A 225 -5.71 -8.32 -3.27
CA GLN A 225 -6.02 -9.34 -2.27
C GLN A 225 -6.69 -10.54 -2.90
N SER A 226 -6.47 -11.70 -2.31
CA SER A 226 -7.23 -12.84 -2.77
C SER A 226 -8.69 -12.69 -2.30
N ASN A 227 -9.53 -13.59 -2.78
CA ASN A 227 -10.97 -13.41 -2.75
C ASN A 227 -11.54 -13.88 -1.40
N VAL A 228 -11.17 -13.16 -0.36
CA VAL A 228 -11.70 -13.41 0.98
C VAL A 228 -12.01 -12.06 1.57
N GLN A 229 -13.27 -11.84 1.89
CA GLN A 229 -13.72 -10.54 2.40
C GLN A 229 -13.08 -10.25 3.75
N ASN A 230 -12.51 -9.07 3.91
CA ASN A 230 -11.84 -8.75 5.16
C ASN A 230 -11.86 -7.27 5.53
N LEU A 231 -11.92 -6.38 4.56
CA LEU A 231 -11.76 -4.96 4.83
C LEU A 231 -13.09 -4.31 5.19
N GLN A 232 -13.04 -3.34 6.11
CA GLN A 232 -14.17 -2.47 6.39
C GLN A 232 -13.70 -1.03 6.38
N VAL A 233 -14.59 -0.15 5.95
CA VAL A 233 -14.32 1.28 5.89
C VAL A 233 -15.30 1.98 6.82
N GLU A 234 -14.80 2.98 7.54
CA GLU A 234 -15.63 3.72 8.47
C GLU A 234 -16.39 4.79 7.70
N THR A 235 -17.67 4.90 7.97
CA THR A 235 -18.50 6.00 7.51
C THR A 235 -19.11 6.63 8.75
N ALA A 236 -19.85 7.72 8.57
CA ALA A 236 -20.46 8.35 9.72
C ALA A 236 -21.47 7.43 10.37
N ALA A 237 -22.04 6.50 9.60
CA ALA A 237 -23.05 5.58 10.08
C ALA A 237 -22.45 4.25 10.48
N GLY A 238 -21.14 4.17 10.60
CA GLY A 238 -20.46 3.00 11.11
C GLY A 238 -19.65 2.33 10.03
N TYR A 239 -19.07 1.19 10.42
CA TYR A 239 -18.20 0.45 9.53
C TYR A 239 -19.02 -0.33 8.50
N GLN A 240 -18.53 -0.34 7.28
CA GLN A 240 -19.18 -1.05 6.18
C GLN A 240 -18.18 -2.02 5.56
N ASP A 241 -18.68 -3.20 5.23
CA ASP A 241 -17.88 -4.22 4.58
C ASP A 241 -17.53 -3.83 3.14
N ILE A 242 -16.27 -4.01 2.78
CA ILE A 242 -15.80 -3.89 1.38
C ILE A 242 -15.77 -5.29 0.79
N GLU A 243 -16.49 -5.50 -0.31
CA GLU A 243 -16.55 -6.81 -0.95
C GLU A 243 -15.23 -7.08 -1.65
N ALA A 244 -14.81 -8.34 -1.63
CA ALA A 244 -13.56 -8.73 -2.25
C ALA A 244 -13.75 -8.86 -3.76
N ASP A 245 -12.66 -8.64 -4.48
CA ASP A 245 -12.60 -8.90 -5.92
C ASP A 245 -11.14 -9.21 -6.25
N ASP A 246 -10.84 -10.47 -6.52
CA ASP A 246 -9.46 -10.89 -6.77
C ASP A 246 -9.06 -10.76 -8.23
N THR A 247 -9.81 -9.98 -9.02
CA THR A 247 -9.34 -9.59 -10.35
C THR A 247 -8.90 -8.13 -10.40
N GLY A 248 -9.24 -7.33 -9.40
CA GLY A 248 -9.05 -5.90 -9.46
C GLY A 248 -8.09 -5.46 -8.38
N TYR A 249 -7.67 -4.22 -8.50
CA TYR A 249 -6.87 -3.59 -7.45
C TYR A 249 -7.75 -2.63 -6.69
N LEU A 250 -7.71 -2.74 -5.38
CA LEU A 250 -8.43 -1.85 -4.49
C LEU A 250 -7.57 -0.63 -4.19
N ILE A 251 -8.15 0.55 -4.41
CA ILE A 251 -7.42 1.80 -4.35
C ILE A 251 -8.03 2.71 -3.28
N ASN A 252 -7.19 3.36 -2.50
CA ASN A 252 -7.65 4.42 -1.61
C ASN A 252 -6.52 5.41 -1.37
N CYS A 253 -6.89 6.60 -0.86
CA CYS A 253 -5.95 7.66 -0.54
C CYS A 253 -5.37 7.43 0.85
N GLY A 254 -4.10 7.81 1.01
CA GLY A 254 -3.45 7.87 2.29
C GLY A 254 -3.46 9.29 2.83
N SER A 255 -2.87 9.46 4.01
CA SER A 255 -3.03 10.72 4.72
C SER A 255 -2.23 11.84 4.07
N TYR A 256 -1.29 11.53 3.20
CA TYR A 256 -0.59 12.62 2.52
C TYR A 256 -1.50 13.29 1.50
N MET A 257 -2.34 12.52 0.80
CA MET A 257 -3.33 13.11 -0.09
C MET A 257 -4.29 14.00 0.69
N ALA A 258 -4.68 13.56 1.88
CA ALA A 258 -5.60 14.37 2.69
C ALA A 258 -4.94 15.67 3.10
N HIS A 259 -3.67 15.60 3.49
CA HIS A 259 -2.94 16.79 3.82
C HIS A 259 -2.94 17.79 2.66
N LEU A 260 -2.51 17.33 1.50
CA LEU A 260 -2.28 18.30 0.44
C LEU A 260 -3.58 18.81 -0.18
N THR A 261 -4.70 18.11 -0.02
CA THR A 261 -5.99 18.60 -0.50
C THR A 261 -6.83 19.23 0.61
N ASN A 262 -6.24 19.52 1.76
CA ASN A 262 -7.01 20.10 2.88
C ASN A 262 -8.24 19.25 3.19
N ASN A 263 -8.04 17.95 3.13
CA ASN A 263 -9.05 16.96 3.50
C ASN A 263 -10.22 16.92 2.54
N TYR A 264 -10.07 17.51 1.35
CA TYR A 264 -11.06 17.33 0.31
C TYR A 264 -11.15 15.87 -0.12
N TYR A 265 -10.02 15.20 -0.34
CA TYR A 265 -9.94 13.74 -0.44
C TYR A 265 -9.42 13.24 0.89
N LYS A 266 -10.33 12.74 1.73
CA LYS A 266 -9.97 12.20 3.03
C LYS A 266 -9.20 10.91 2.85
N ALA A 267 -8.37 10.60 3.83
CA ALA A 267 -7.78 9.28 3.93
C ALA A 267 -8.79 8.44 4.71
N PRO A 268 -9.46 7.50 4.06
CA PRO A 268 -10.53 6.77 4.75
C PRO A 268 -9.96 5.93 5.86
N ILE A 269 -10.65 5.93 6.98
CA ILE A 269 -10.31 5.04 8.08
C ILE A 269 -10.84 3.66 7.75
N HIS A 270 -10.01 2.66 7.93
CA HIS A 270 -10.42 1.31 7.61
C HIS A 270 -9.73 0.37 8.57
N ARG A 271 -10.20 -0.87 8.57
CA ARG A 271 -9.67 -1.88 9.48
C ARG A 271 -9.82 -3.25 8.84
N VAL A 272 -9.06 -4.22 9.36
CA VAL A 272 -9.05 -5.58 8.78
C VAL A 272 -9.77 -6.51 9.76
N LYS A 273 -10.89 -7.07 9.34
CA LYS A 273 -11.59 -8.08 10.13
C LYS A 273 -10.78 -9.35 10.21
N TRP A 274 -10.95 -10.05 11.33
CA TRP A 274 -10.42 -11.39 11.52
C TRP A 274 -11.28 -12.38 10.75
N VAL A 275 -10.64 -13.11 9.84
CA VAL A 275 -11.26 -14.21 9.13
C VAL A 275 -10.30 -15.38 9.19
N ASN A 276 -10.78 -16.55 9.56
CA ASN A 276 -9.86 -17.70 9.63
C ASN A 276 -9.86 -18.38 8.28
N ALA A 277 -8.99 -17.91 7.40
CA ALA A 277 -8.91 -18.36 6.02
C ALA A 277 -7.51 -18.03 5.49
N GLU A 278 -6.98 -18.92 4.69
CA GLU A 278 -5.68 -18.71 4.09
C GLU A 278 -5.86 -17.70 2.97
N ARG A 279 -5.14 -16.58 3.04
CA ARG A 279 -5.30 -15.57 2.01
C ARG A 279 -4.04 -14.73 1.90
N GLN A 280 -4.03 -13.87 0.89
CA GLN A 280 -2.91 -13.01 0.55
C GLN A 280 -3.40 -11.58 0.54
N SER A 281 -2.57 -10.68 1.03
CA SER A 281 -2.82 -9.25 0.92
C SER A 281 -1.52 -8.63 0.45
N LEU A 282 -1.55 -7.94 -0.70
CA LEU A 282 -0.32 -7.56 -1.40
C LEU A 282 -0.43 -6.07 -1.73
N PRO A 283 -0.22 -5.21 -0.75
CA PRO A 283 -0.24 -3.78 -1.02
C PRO A 283 1.03 -3.27 -1.67
N PHE A 284 0.84 -2.24 -2.49
CA PHE A 284 1.88 -1.36 -2.97
C PHE A 284 1.56 0.02 -2.41
N PHE A 285 2.44 0.56 -1.57
CA PHE A 285 2.22 1.86 -0.97
C PHE A 285 2.91 2.89 -1.85
N VAL A 286 2.12 3.79 -2.45
CA VAL A 286 2.68 4.79 -3.37
C VAL A 286 3.24 5.91 -2.51
N ASN A 287 4.55 5.94 -2.39
CA ASN A 287 5.26 7.00 -1.71
C ASN A 287 6.05 7.80 -2.73
N LEU A 288 6.30 9.08 -2.44
CA LEU A 288 7.09 9.91 -3.33
C LEU A 288 8.57 9.79 -2.95
N GLY A 289 9.37 10.80 -3.29
CA GLY A 289 10.76 10.79 -2.93
C GLY A 289 10.97 11.49 -1.61
N TYR A 290 12.17 11.34 -1.06
CA TYR A 290 12.44 11.84 0.27
C TYR A 290 12.24 13.35 0.33
N ASP A 291 12.68 14.07 -0.70
N ASP A 291 12.67 14.05 -0.72
CA ASP A 291 12.62 15.52 -0.70
CA ASP A 291 12.66 15.50 -0.77
C ASP A 291 11.40 16.06 -1.43
C ASP A 291 11.43 16.05 -1.48
N SER A 292 10.48 15.19 -1.86
CA SER A 292 9.29 15.66 -2.57
C SER A 292 8.42 16.50 -1.66
N VAL A 293 7.97 17.63 -2.16
CA VAL A 293 7.06 18.50 -1.44
C VAL A 293 6.04 18.97 -2.47
N ILE A 294 4.77 18.84 -2.13
CA ILE A 294 3.68 19.38 -2.95
C ILE A 294 2.98 20.45 -2.14
N ASP A 295 2.84 21.63 -2.71
CA ASP A 295 2.20 22.73 -1.99
C ASP A 295 0.74 22.35 -1.77
N PRO A 296 0.24 22.40 -0.54
CA PRO A 296 -1.17 22.07 -0.34
C PRO A 296 -2.08 23.09 -1.02
N PHE A 297 -3.24 22.61 -1.42
CA PHE A 297 -4.23 23.48 -2.02
C PHE A 297 -5.59 23.02 -1.54
N ASP A 298 -6.60 23.87 -1.74
CA ASP A 298 -7.95 23.55 -1.31
C ASP A 298 -8.85 23.64 -2.53
N PRO A 299 -9.25 22.51 -3.13
CA PRO A 299 -10.10 22.57 -4.32
C PRO A 299 -11.47 23.18 -4.10
N ARG A 300 -11.92 23.28 -2.85
CA ARG A 300 -13.22 23.89 -2.58
C ARG A 300 -13.20 25.39 -2.82
N GLU A 301 -12.01 26.00 -2.87
CA GLU A 301 -11.90 27.45 -3.01
C GLU A 301 -11.56 27.83 -4.44
N PRO A 302 -12.22 28.87 -4.98
CA PRO A 302 -11.88 29.32 -6.33
C PRO A 302 -10.37 29.42 -6.56
N ASN A 303 -9.69 30.21 -5.73
CA ASN A 303 -8.24 30.42 -5.85
C ASN A 303 -7.42 29.26 -5.33
N GLY A 304 -8.05 28.30 -4.65
CA GLY A 304 -7.37 27.13 -4.14
C GLY A 304 -6.45 27.37 -2.97
N LYS A 305 -6.51 28.54 -2.32
CA LYS A 305 -5.58 28.87 -1.27
C LYS A 305 -5.74 27.95 -0.06
N SER A 306 -4.61 27.52 0.51
CA SER A 306 -4.60 26.71 1.70
C SER A 306 -3.65 27.30 2.72
N ASP A 307 -3.97 27.14 4.01
CA ASP A 307 -3.10 27.58 5.09
C ASP A 307 -2.26 26.45 5.64
N ARG A 308 -2.30 25.28 5.01
CA ARG A 308 -1.54 24.13 5.49
C ARG A 308 -0.08 24.24 5.07
N GLU A 309 0.82 23.83 5.98
CA GLU A 309 2.24 23.89 5.68
C GLU A 309 2.60 22.83 4.64
N PRO A 310 3.46 23.16 3.67
CA PRO A 310 4.07 22.10 2.86
C PRO A 310 4.77 21.10 3.77
N LEU A 311 4.71 19.84 3.38
CA LEU A 311 5.24 18.75 4.19
C LEU A 311 6.12 17.89 3.29
N SER A 312 7.39 17.79 3.65
CA SER A 312 8.32 16.95 2.90
C SER A 312 7.88 15.48 2.99
N TYR A 313 7.91 14.76 1.87
CA TYR A 313 7.42 13.38 1.92
C TYR A 313 8.28 12.52 2.86
N GLY A 314 9.58 12.78 2.93
CA GLY A 314 10.43 11.94 3.77
C GLY A 314 10.10 12.08 5.25
N ASP A 315 9.86 13.31 5.70
CA ASP A 315 9.49 13.54 7.09
C ASP A 315 8.14 12.92 7.40
N TYR A 316 7.20 13.08 6.47
CA TYR A 316 5.88 12.48 6.58
C TYR A 316 6.00 10.99 6.79
N LEU A 317 6.80 10.34 5.94
CA LEU A 317 6.85 8.89 5.94
C LEU A 317 7.56 8.38 7.19
N GLN A 318 8.68 9.02 7.54
CA GLN A 318 9.42 8.58 8.73
C GLN A 318 8.51 8.61 9.95
N ASN A 319 7.78 9.71 10.14
CA ASN A 319 6.93 9.81 11.33
C ASN A 319 5.75 8.87 11.22
N GLY A 320 5.21 8.73 10.00
CA GLY A 320 3.98 7.98 9.83
C GLY A 320 4.16 6.51 10.06
N LEU A 321 5.25 5.93 9.55
CA LEU A 321 5.52 4.51 9.73
C LEU A 321 5.69 4.18 11.20
N VAL A 322 6.42 5.04 11.94
CA VAL A 322 6.65 4.78 13.36
C VAL A 322 5.35 4.90 14.15
N SER A 323 4.55 5.91 13.83
CA SER A 323 3.30 6.11 14.54
C SER A 323 2.35 4.94 14.33
N LEU A 324 2.36 4.37 13.13
CA LEU A 324 1.46 3.25 12.89
C LEU A 324 1.92 2.02 13.67
N ILE A 325 3.23 1.81 13.76
CA ILE A 325 3.71 0.72 14.60
C ILE A 325 3.32 0.97 16.06
N ASN A 326 3.55 2.18 16.56
CA ASN A 326 3.20 2.49 17.94
C ASN A 326 1.70 2.34 18.18
N LYS A 327 0.89 2.72 17.18
CA LYS A 327 -0.55 2.70 17.38
C LYS A 327 -1.12 1.30 17.27
N ASN A 328 -0.75 0.58 16.22
CA ASN A 328 -1.42 -0.66 15.86
C ASN A 328 -0.51 -1.87 15.96
N GLY A 329 0.73 -1.70 16.40
CA GLY A 329 1.58 -2.85 16.68
C GLY A 329 2.60 -3.13 15.58
N GLN A 330 3.71 -3.75 15.99
CA GLN A 330 4.66 -4.32 15.04
C GLN A 330 3.97 -5.43 14.24
N THR A 331 4.02 -5.32 12.92
CA THR A 331 3.49 -6.38 12.06
C THR A 331 4.53 -7.43 11.74
S SO4 B . -15.77 18.85 3.36
O1 SO4 B . -16.17 17.45 3.32
O2 SO4 B . -14.42 18.95 3.87
O3 SO4 B . -16.68 19.59 4.22
O4 SO4 B . -15.84 19.40 1.99
C1 ACV C . 7.05 -0.07 4.53
C2 ACV C . 5.98 -1.01 5.03
C3 ACV C . 4.76 -0.22 5.56
C4 ACV C . 3.67 -1.12 6.11
C7 ACV C . 2.50 -0.34 6.71
C10 ACV C . 1.44 -1.25 7.26
N11 ACV C . 0.32 -1.30 6.54
C12 ACV C . -0.86 -2.06 6.89
C13 ACV C . -1.07 -3.11 5.79
N14 ACV C . 6.56 -1.83 6.11
O15 ACV C . 1.61 -1.93 8.28
C16 ACV C . -2.05 -1.14 7.00
S17 ACV C . -2.26 -0.07 5.55
O18 ACV C . -0.15 -3.39 5.03
O19 ACV C . 6.70 0.65 3.49
O20 ACV C . 8.13 -0.01 5.08
N29 ACV C . -2.28 -3.68 5.73
C30 ACV C . -2.61 -4.69 4.74
C31 ACV C . -3.18 -5.93 5.41
C32 ACV C . -3.59 -4.16 3.66
C33 ACV C . -4.98 -4.01 4.25
C37 ACV C . -3.11 -2.86 3.05
O42 ACV C . -3.73 -6.79 4.75
O43 ACV C . -3.06 -5.95 6.71
H2 ACV C . 5.66 -1.69 4.23
H31 ACV C . 5.10 0.47 6.34
H32A ACV C . 4.37 0.41 4.76
H41 ACV C . 3.29 -1.78 5.34
H42 ACV C . 4.09 -1.78 6.87
H71 ACV C . 2.85 0.29 7.52
H72 ACV C . 2.13 0.34 5.96
HNB ACV C . 0.23 -0.78 5.67
H12 ACV C . -0.71 -2.55 7.85
HNE1 ACV C . 6.35 -2.82 6.04
HNE2 ACV C . 7.55 -1.66 6.26
H161 ACV C . -2.98 -1.71 7.16
H162 ACV C . -1.94 -0.50 7.88
HNT ACV C . -3.01 -3.43 6.38
H30 ACV C . -1.71 -5.01 4.22
H32 ACV C . -3.62 -4.91 2.87
H331 ACV C . -5.69 -3.64 3.51
H332 ACV C . -5.02 -3.30 5.08
H333 ACV C . -5.39 -4.95 4.62
H371 ACV C . -3.80 -2.47 2.29
H372 ACV C . -2.12 -2.92 2.59
H373 ACV C . -3.05 -2.08 3.80
O1 VVO D . -5.13 -1.25 5.68
V1 VVO D . -4.61 0.30 5.47
#